data_7ZX9
#
_entry.id   7ZX9
#
_cell.length_a   57.710
_cell.length_b   57.710
_cell.length_c   183.617
_cell.angle_alpha   90.000
_cell.angle_beta   90.000
_cell.angle_gamma   90.000
#
_symmetry.space_group_name_H-M   'I 41 2 2'
#
loop_
_entity.id
_entity.type
_entity.pdbx_description
1 polymer Streptavidin
2 non-polymer 5-[(3~{a}~{S},4~{S},6~{a}~{R})-2-oxidanylidene-1,3,3~{a},4,6,6~{a}-hexahydrothieno[3,4-d]imidazol-4-yl]-~{N}-[2-[6-(3,4-dihydro-1~{H}-isoquinolin-2-yl)-1,3-bis(oxidanylidene)benzo[de]isoquinolin-2-yl]ethyl]pentanamide
3 water water
#
_entity_poly.entity_id   1
_entity_poly.type   'polypeptide(L)'
_entity_poly.pdbx_seq_one_letter_code
;ASMTGGQQMGRDQAGITGTWYNQLGSTFIVTAGADGALTGTYESAVGNAESRYVLTGRYDSAPATDGSGTALGWTVAWKN
NYRNAHSATTWSGQYVGGAEARINTQWLLTSGTTEANAWKSTLVGHDTFTKVKPSAASIDAAKKAGVNNGNPLDAVQQ
;
_entity_poly.pdbx_strand_id   A
#
# COMPACT_ATOMS: atom_id res chain seq x y z
N ARG A 11 16.74 5.49 9.11
CA ARG A 11 15.51 4.70 9.37
C ARG A 11 14.36 5.70 9.53
N ASP A 12 13.34 5.49 8.68
CA ASP A 12 12.08 6.19 8.73
C ASP A 12 11.07 5.23 9.33
N GLN A 13 11.52 4.36 10.24
CA GLN A 13 10.61 3.46 10.93
C GLN A 13 9.49 4.28 11.59
N ALA A 14 9.89 5.33 12.34
CA ALA A 14 8.92 6.18 13.00
C ALA A 14 8.07 6.98 11.99
N GLY A 15 8.71 7.45 10.90
CA GLY A 15 8.01 8.22 9.88
C GLY A 15 6.92 7.42 9.16
N ILE A 16 7.18 6.13 8.90
CA ILE A 16 6.25 5.33 8.13
C ILE A 16 5.09 4.81 8.99
N THR A 17 5.41 4.42 10.22
CA THR A 17 4.46 3.78 11.11
C THR A 17 3.31 4.73 11.37
N GLY A 18 2.08 4.22 11.23
CA GLY A 18 0.93 5.05 11.46
C GLY A 18 -0.22 4.81 10.47
N THR A 19 -1.11 5.79 10.43
CA THR A 19 -2.33 5.74 9.64
C THR A 19 -2.19 6.72 8.48
N TRP A 20 -2.43 6.21 7.27
CA TRP A 20 -2.30 6.96 6.04
C TRP A 20 -3.58 6.89 5.26
N TYR A 21 -3.86 7.94 4.46
CA TYR A 21 -5.07 8.03 3.69
C TYR A 21 -4.71 8.39 2.25
N ASN A 22 -5.41 7.81 1.28
CA ASN A 22 -5.13 8.17 -0.10
C ASN A 22 -6.24 9.08 -0.63
N GLN A 23 -6.15 9.36 -1.94
CA GLN A 23 -6.99 10.33 -2.62
C GLN A 23 -8.40 9.78 -2.82
N LEU A 24 -8.57 8.48 -2.69
CA LEU A 24 -9.87 7.81 -2.81
C LEU A 24 -10.61 7.75 -1.47
N GLY A 25 -9.91 8.07 -0.38
CA GLY A 25 -10.40 7.95 0.98
C GLY A 25 -10.15 6.58 1.60
N SER A 26 -9.26 5.77 0.98
CA SER A 26 -8.84 4.53 1.60
C SER A 26 -7.89 4.79 2.78
N THR A 27 -7.81 3.85 3.71
CA THR A 27 -7.07 3.90 4.95
C THR A 27 -6.06 2.77 5.00
N PHE A 28 -4.79 3.13 5.19
CA PHE A 28 -3.68 2.21 5.26
C PHE A 28 -3.10 2.36 6.66
N ILE A 29 -3.13 1.30 7.45
CA ILE A 29 -2.59 1.32 8.80
C ILE A 29 -1.39 0.39 8.85
N VAL A 30 -0.20 0.91 9.13
CA VAL A 30 1.02 0.14 8.96
C VAL A 30 1.96 0.32 10.15
N THR A 31 2.67 -0.76 10.45
CA THR A 31 3.80 -0.70 11.36
C THR A 31 5.06 -1.06 10.60
N ALA A 32 6.09 -0.22 10.73
CA ALA A 32 7.39 -0.52 10.13
C ALA A 32 8.32 -1.10 11.20
N GLY A 33 8.86 -2.30 10.94
CA GLY A 33 9.80 -2.98 11.82
C GLY A 33 11.24 -2.53 11.58
N ALA A 34 12.11 -2.75 12.56
CA ALA A 34 13.50 -2.25 12.45
C ALA A 34 14.27 -2.96 11.34
N ASP A 35 13.79 -4.19 11.04
CA ASP A 35 14.37 -5.15 10.11
C ASP A 35 13.85 -4.96 8.67
N GLY A 36 13.02 -3.95 8.39
CA GLY A 36 12.54 -3.76 7.02
C GLY A 36 11.12 -4.30 6.80
N ALA A 37 10.48 -4.87 7.84
CA ALA A 37 9.10 -5.37 7.63
C ALA A 37 8.04 -4.28 7.65
N LEU A 38 6.93 -4.51 6.89
CA LEU A 38 5.74 -3.71 7.00
C LEU A 38 4.59 -4.67 7.24
N THR A 39 3.78 -4.32 8.24
CA THR A 39 2.65 -5.14 8.61
C THR A 39 1.48 -4.21 8.89
N GLY A 40 0.23 -4.64 8.62
CA GLY A 40 -0.87 -3.77 8.95
C GLY A 40 -2.17 -4.23 8.30
N THR A 41 -3.04 -3.25 8.08
CA THR A 41 -4.35 -3.49 7.49
C THR A 41 -4.65 -2.39 6.47
N TYR A 42 -5.51 -2.72 5.52
CA TYR A 42 -5.91 -1.81 4.49
C TYR A 42 -7.42 -1.88 4.44
N GLU A 43 -8.04 -0.72 4.30
CA GLU A 43 -9.48 -0.61 4.00
C GLU A 43 -9.65 0.27 2.77
N SER A 44 -10.25 -0.31 1.71
CA SER A 44 -10.49 0.40 0.48
C SER A 44 -11.82 1.12 0.54
N ALA A 45 -11.80 2.38 0.09
CA ALA A 45 -13.04 3.14 -0.08
C ALA A 45 -13.79 2.74 -1.35
N VAL A 46 -13.17 1.99 -2.26
CA VAL A 46 -13.78 1.63 -3.53
C VAL A 46 -13.60 0.15 -3.83
N GLY A 47 -14.40 -0.34 -4.76
CA GLY A 47 -14.26 -1.69 -5.28
C GLY A 47 -15.00 -2.74 -4.46
N ASN A 48 -14.63 -3.99 -4.71
CA ASN A 48 -15.29 -5.15 -4.13
C ASN A 48 -14.59 -5.47 -2.82
N ALA A 49 -14.84 -4.63 -1.82
CA ALA A 49 -14.11 -4.63 -0.58
C ALA A 49 -14.96 -4.10 0.55
N GLU A 50 -14.81 -4.72 1.72
CA GLU A 50 -15.45 -4.26 2.93
C GLU A 50 -14.52 -4.53 4.12
N SER A 51 -14.42 -3.51 4.97
CA SER A 51 -13.69 -3.56 6.22
C SER A 51 -12.20 -3.69 5.94
N ARG A 52 -11.48 -4.30 6.85
CA ARG A 52 -10.03 -4.34 6.80
C ARG A 52 -9.54 -5.65 6.18
N TYR A 53 -8.36 -5.55 5.53
CA TYR A 53 -7.66 -6.66 4.91
C TYR A 53 -6.22 -6.63 5.39
N VAL A 54 -5.63 -7.80 5.54
CA VAL A 54 -4.24 -7.91 5.97
C VAL A 54 -3.34 -7.38 4.88
N LEU A 55 -2.30 -6.66 5.27
CA LEU A 55 -1.24 -6.35 4.34
C LEU A 55 0.10 -6.68 4.97
N THR A 56 1.04 -6.95 4.07
CA THR A 56 2.42 -7.14 4.44
C THR A 56 3.31 -6.59 3.37
N GLY A 57 4.51 -6.17 3.76
CA GLY A 57 5.40 -5.66 2.76
C GLY A 57 6.78 -5.44 3.34
N ARG A 58 7.59 -4.64 2.65
CA ARG A 58 9.02 -4.40 2.97
C ARG A 58 9.37 -2.95 2.65
N TYR A 59 10.33 -2.38 3.39
CA TYR A 59 10.84 -1.06 3.07
C TYR A 59 12.35 -1.11 3.26
N ASP A 60 13.03 -0.15 2.66
CA ASP A 60 14.48 0.09 2.85
C ASP A 60 14.72 0.75 4.21
N SER A 61 15.27 -0.03 5.16
CA SER A 61 15.44 0.45 6.53
C SER A 61 16.72 1.30 6.67
N ALA A 62 17.51 1.43 5.60
CA ALA A 62 18.69 2.29 5.65
C ALA A 62 18.78 3.09 4.36
N PRO A 63 17.92 4.10 4.16
CA PRO A 63 17.88 4.82 2.88
C PRO A 63 19.09 5.73 2.69
N ALA A 64 19.25 6.21 1.47
CA ALA A 64 20.34 7.12 1.15
C ALA A 64 20.15 8.40 1.96
N THR A 65 21.27 9.06 2.29
CA THR A 65 21.25 10.21 3.18
C THR A 65 21.23 11.52 2.38
N ASP A 66 20.94 11.46 1.06
CA ASP A 66 21.14 12.53 0.11
C ASP A 66 19.82 13.21 -0.27
N GLY A 67 18.77 13.06 0.55
CA GLY A 67 17.47 13.65 0.26
C GLY A 67 16.56 12.76 -0.60
N SER A 68 17.01 11.56 -0.94
CA SER A 68 16.16 10.61 -1.64
C SER A 68 15.05 10.10 -0.73
N GLY A 69 13.95 9.69 -1.35
CA GLY A 69 12.89 8.99 -0.65
C GLY A 69 13.31 7.57 -0.27
N THR A 70 12.42 6.89 0.44
CA THR A 70 12.65 5.57 0.99
C THR A 70 11.77 4.57 0.23
N ALA A 71 12.39 3.66 -0.53
CA ALA A 71 11.61 2.68 -1.30
C ALA A 71 10.88 1.70 -0.40
N LEU A 72 9.65 1.32 -0.84
CA LEU A 72 8.87 0.39 -0.07
C LEU A 72 7.81 -0.19 -0.99
N GLY A 73 7.23 -1.30 -0.54
CA GLY A 73 6.07 -1.88 -1.19
C GLY A 73 5.29 -2.75 -0.28
N TRP A 74 4.04 -3.05 -0.67
CA TRP A 74 3.22 -3.94 0.11
C TRP A 74 2.13 -4.56 -0.75
N THR A 75 1.56 -5.67 -0.25
CA THR A 75 0.50 -6.41 -0.90
C THR A 75 -0.68 -6.56 0.00
N VAL A 76 -1.85 -6.55 -0.63
CA VAL A 76 -3.14 -6.95 -0.06
C VAL A 76 -3.76 -7.97 -0.98
N ALA A 77 -4.12 -9.15 -0.43
CA ALA A 77 -5.01 -10.08 -1.07
C ALA A 77 -6.45 -9.78 -0.61
N TRP A 78 -7.38 -9.61 -1.54
CA TRP A 78 -8.70 -9.08 -1.22
C TRP A 78 -9.65 -10.15 -0.73
N LYS A 79 -9.18 -10.88 0.27
CA LYS A 79 -10.00 -11.88 0.96
C LYS A 79 -9.91 -11.54 2.44
N ASN A 80 -11.08 -11.45 3.07
CA ASN A 80 -11.17 -11.36 4.52
C ASN A 80 -12.43 -12.15 4.92
N ASN A 81 -12.91 -11.91 6.12
CA ASN A 81 -14.04 -12.71 6.59
C ASN A 81 -15.36 -12.32 5.98
N TYR A 82 -15.42 -11.21 5.26
CA TYR A 82 -16.63 -10.66 4.70
C TYR A 82 -16.73 -10.91 3.19
N ARG A 83 -15.60 -10.87 2.48
CA ARG A 83 -15.65 -10.94 1.02
C ARG A 83 -14.40 -11.60 0.48
N ASN A 84 -14.51 -12.13 -0.74
CA ASN A 84 -13.35 -12.59 -1.46
C ASN A 84 -13.48 -12.10 -2.90
N ALA A 85 -12.64 -11.13 -3.30
CA ALA A 85 -12.66 -10.55 -4.63
C ALA A 85 -11.68 -11.23 -5.59
N HIS A 86 -11.08 -12.35 -5.17
CA HIS A 86 -10.20 -13.17 -5.99
C HIS A 86 -9.18 -12.31 -6.74
N SER A 87 -8.54 -11.45 -5.96
CA SER A 87 -7.61 -10.46 -6.52
C SER A 87 -6.59 -10.08 -5.48
N ALA A 88 -5.52 -9.44 -5.95
CA ALA A 88 -4.46 -8.97 -5.07
C ALA A 88 -3.89 -7.69 -5.67
N THR A 89 -3.64 -6.69 -4.84
CA THR A 89 -2.98 -5.46 -5.25
C THR A 89 -1.61 -5.40 -4.63
N THR A 90 -0.62 -4.92 -5.37
CA THR A 90 0.67 -4.54 -4.83
C THR A 90 0.94 -3.09 -5.12
N TRP A 91 1.37 -2.37 -4.09
CA TRP A 91 1.80 -1.00 -4.24
C TRP A 91 3.31 -0.99 -4.15
N SER A 92 3.94 -0.21 -5.02
CA SER A 92 5.39 0.01 -5.09
C SER A 92 5.62 1.51 -5.10
N GLY A 93 6.51 2.02 -4.26
CA GLY A 93 6.63 3.47 -4.18
C GLY A 93 7.72 3.92 -3.22
N GLN A 94 7.60 5.20 -2.81
CA GLN A 94 8.58 5.72 -1.89
C GLN A 94 7.90 6.65 -0.91
N TYR A 95 8.44 6.61 0.31
CA TYR A 95 8.10 7.49 1.42
C TYR A 95 8.96 8.73 1.36
N VAL A 96 8.32 9.90 1.47
CA VAL A 96 9.01 11.17 1.48
C VAL A 96 8.63 11.82 2.80
N GLY A 97 9.61 12.05 3.67
CA GLY A 97 9.35 12.62 5.00
C GLY A 97 9.11 14.14 4.94
N GLY A 98 8.95 14.78 6.11
CA GLY A 98 8.85 16.24 6.17
C GLY A 98 7.43 16.71 6.48
N ALA A 99 7.24 18.03 6.50
CA ALA A 99 6.05 18.64 7.05
C ALA A 99 4.80 18.01 6.44
N GLU A 100 4.84 17.84 5.10
CA GLU A 100 3.77 17.19 4.38
C GLU A 100 4.29 15.84 3.87
N ALA A 101 4.50 14.91 4.82
CA ALA A 101 4.97 13.57 4.50
C ALA A 101 3.99 12.89 3.53
N ARG A 102 4.59 12.03 2.69
N ARG A 102 4.53 12.11 2.59
CA ARG A 102 3.87 11.42 1.59
CA ARG A 102 3.65 11.40 1.66
C ARG A 102 4.36 9.99 1.40
C ARG A 102 4.31 10.10 1.23
N ILE A 103 3.46 9.12 0.96
CA ILE A 103 3.90 7.90 0.25
C ILE A 103 3.30 7.95 -1.15
N ASN A 104 4.18 8.04 -2.15
CA ASN A 104 3.82 8.11 -3.57
C ASN A 104 3.99 6.70 -4.14
N THR A 105 2.92 6.14 -4.65
CA THR A 105 2.87 4.77 -5.14
C THR A 105 2.30 4.65 -6.55
N GLN A 106 2.74 3.57 -7.19
CA GLN A 106 2.01 2.95 -8.31
C GLN A 106 1.65 1.54 -7.91
N TRP A 107 0.52 1.08 -8.45
CA TRP A 107 -0.01 -0.22 -8.03
C TRP A 107 -0.41 -1.07 -9.22
N LEU A 108 -0.37 -2.39 -8.99
CA LEU A 108 -0.85 -3.43 -9.90
C LEU A 108 -1.87 -4.30 -9.16
N LEU A 109 -3.06 -4.38 -9.72
CA LEU A 109 -4.15 -5.19 -9.18
C LEU A 109 -4.49 -6.33 -10.16
N THR A 110 -4.12 -7.53 -9.77
CA THR A 110 -4.36 -8.72 -10.59
C THR A 110 -5.57 -9.50 -10.06
N SER A 111 -6.47 -9.87 -10.98
CA SER A 111 -7.57 -10.77 -10.66
C SER A 111 -7.20 -12.17 -11.11
N GLY A 112 -7.64 -13.21 -10.38
CA GLY A 112 -7.57 -14.55 -10.94
C GLY A 112 -8.45 -14.67 -12.19
N THR A 113 -7.93 -15.24 -13.27
CA THR A 113 -8.67 -15.35 -14.52
C THR A 113 -8.43 -16.75 -15.10
N THR A 114 -9.24 -17.09 -16.08
CA THR A 114 -8.92 -18.20 -16.98
C THR A 114 -7.74 -17.80 -17.85
N GLU A 115 -7.10 -18.79 -18.48
CA GLU A 115 -5.99 -18.51 -19.39
C GLU A 115 -6.50 -17.65 -20.54
N ALA A 116 -7.74 -17.85 -21.00
CA ALA A 116 -8.28 -17.11 -22.13
C ALA A 116 -8.40 -15.61 -21.79
N ASN A 117 -8.66 -15.30 -20.53
CA ASN A 117 -8.90 -13.93 -20.11
C ASN A 117 -7.66 -13.28 -19.46
N ALA A 118 -6.50 -13.94 -19.47
CA ALA A 118 -5.34 -13.45 -18.75
C ALA A 118 -4.87 -12.10 -19.26
N TRP A 119 -5.12 -11.80 -20.55
CA TRP A 119 -4.71 -10.53 -21.11
C TRP A 119 -5.39 -9.37 -20.38
N LYS A 120 -6.58 -9.57 -19.80
CA LYS A 120 -7.32 -8.53 -19.10
C LYS A 120 -7.36 -8.78 -17.59
N SER A 121 -6.28 -9.38 -17.05
CA SER A 121 -6.24 -9.71 -15.63
C SER A 121 -5.80 -8.56 -14.72
N THR A 122 -5.05 -7.57 -15.24
CA THR A 122 -4.31 -6.67 -14.35
C THR A 122 -4.60 -5.18 -14.61
N LEU A 123 -5.13 -4.49 -13.58
CA LEU A 123 -5.25 -3.04 -13.57
C LEU A 123 -3.96 -2.40 -13.05
N VAL A 124 -3.71 -1.16 -13.53
CA VAL A 124 -2.59 -0.35 -13.05
C VAL A 124 -3.13 1.05 -12.70
N GLY A 125 -2.59 1.57 -11.58
CA GLY A 125 -2.92 2.90 -11.14
C GLY A 125 -1.89 3.48 -10.21
N HIS A 126 -2.25 4.65 -9.62
CA HIS A 126 -1.33 5.32 -8.74
C HIS A 126 -2.13 5.92 -7.59
N ASP A 127 -1.62 5.76 -6.39
CA ASP A 127 -2.19 6.33 -5.16
C ASP A 127 -1.13 7.19 -4.47
N THR A 128 -1.57 8.31 -3.88
CA THR A 128 -0.73 9.14 -3.04
C THR A 128 -1.36 9.16 -1.66
N PHE A 129 -0.57 8.77 -0.68
CA PHE A 129 -0.98 8.69 0.71
C PHE A 129 -0.42 9.86 1.48
N THR A 130 -1.27 10.39 2.37
CA THR A 130 -0.85 11.44 3.29
C THR A 130 -1.32 11.07 4.69
N LYS A 131 -0.79 11.80 5.68
CA LYS A 131 -1.05 11.52 7.09
C LYS A 131 -2.33 12.21 7.52
N VAL A 132 -2.85 13.07 6.67
CA VAL A 132 -4.13 13.72 6.92
C VAL A 132 -5.09 13.34 5.80
N LYS A 133 -6.38 13.23 6.10
CA LYS A 133 -7.40 12.62 5.25
C LYS A 133 -8.06 13.66 4.33
N PRO A 134 -8.79 13.25 3.26
CA PRO A 134 -9.90 14.05 2.74
C PRO A 134 -11.03 14.23 3.78
#